data_7C9B
#
_entry.id   7C9B
#
_cell.length_a   83.775
_cell.length_b   40.900
_cell.length_c   74.221
_cell.angle_alpha   90.000
_cell.angle_beta   116.196
_cell.angle_gamma   90.000
#
_symmetry.space_group_name_H-M   'C 1 2 1'
#
loop_
_entity.id
_entity.type
_entity.pdbx_description
1 polymer 'Alpha-aspartyl dipeptidase'
2 non-polymer 'CALCIUM ION'
3 non-polymer 'SODIUM ION'
4 water water
#
_entity_poly.entity_id   1
_entity_poly.type   'polypeptide(L)'
_entity_poly.pdbx_seq_one_letter_code
;MMTMRRHLLLVSNSTLHGGGYLEHCQEHILKFLGAQVKRVLFIPYALHDRDAYAKTARQKFEALGYGLDSVHESPDPVDA
VKKAEAIFIGGGNTFRLLKALYDNDLIAAIRKRVLEDGVPYIGSSAGTNVATISINTTNDMPIVYPPSLKALELVPFNIN
PHYLDPDGNSKHMGETREQRITQYHEEHDTPPVLGLREGCFLLVEGDKATLLGITRARLFLRGKNPTEHEPGHDFSFLLG
HS
;
_entity_poly.pdbx_strand_id   A
#
loop_
_chem_comp.id
_chem_comp.type
_chem_comp.name
_chem_comp.formula
CA non-polymer 'CALCIUM ION' 'Ca 2'
NA non-polymer 'SODIUM ION' 'Na 1'
#
# COMPACT_ATOMS: atom_id res chain seq x y z
N MET A 1 -17.76 10.49 4.91
CA MET A 1 -17.28 9.13 5.16
C MET A 1 -16.28 8.70 4.10
N MET A 2 -16.19 7.40 3.87
CA MET A 2 -15.27 6.92 2.86
C MET A 2 -15.94 6.89 1.48
N THR A 3 -17.27 6.97 1.44
CA THR A 3 -18.04 6.54 0.26
C THR A 3 -17.64 7.30 -0.99
N MET A 4 -17.50 8.62 -0.90
CA MET A 4 -17.19 9.44 -2.05
C MET A 4 -15.75 9.89 -2.07
N ARG A 5 -14.96 9.45 -1.11
CA ARG A 5 -13.66 10.04 -0.88
C ARG A 5 -12.52 9.07 -0.96
N ARG A 6 -12.65 7.83 -0.50
CA ARG A 6 -11.50 6.91 -0.49
C ARG A 6 -11.30 6.20 -1.81
N HIS A 7 -10.09 6.31 -2.41
CA HIS A 7 -9.70 5.58 -3.60
C HIS A 7 -8.30 5.05 -3.39
N LEU A 8 -8.18 3.72 -3.31
CA LEU A 8 -6.89 3.07 -3.06
C LEU A 8 -6.70 1.95 -4.05
N LEU A 9 -5.48 1.81 -4.51
CA LEU A 9 -5.06 0.65 -5.28
C LEU A 9 -3.82 0.11 -4.57
N LEU A 10 -3.98 -1.04 -3.94
CA LEU A 10 -2.96 -1.61 -3.03
C LEU A 10 -2.41 -2.85 -3.69
N VAL A 11 -1.20 -2.74 -4.21
CA VAL A 11 -0.51 -3.78 -4.95
C VAL A 11 0.40 -4.58 -4.03
N SER A 12 0.38 -5.90 -4.15
CA SER A 12 1.28 -6.69 -3.33
C SER A 12 2.75 -6.46 -3.69
N ASN A 13 3.11 -6.62 -4.96
CA ASN A 13 4.47 -6.69 -5.45
C ASN A 13 4.54 -5.80 -6.68
N SER A 14 5.63 -5.05 -6.83
CA SER A 14 5.81 -4.11 -7.91
C SER A 14 6.18 -4.78 -9.22
N THR A 15 6.95 -5.84 -9.18
CA THR A 15 7.49 -6.45 -10.40
C THR A 15 7.31 -7.96 -10.33
N LEU A 16 6.65 -8.51 -11.33
CA LEU A 16 6.73 -9.94 -11.55
C LEU A 16 8.13 -10.22 -12.07
N HIS A 17 8.77 -11.24 -11.53
CA HIS A 17 10.06 -11.60 -12.10
C HIS A 17 9.92 -11.80 -13.60
N GLY A 18 10.88 -11.28 -14.35
CA GLY A 18 10.79 -11.31 -15.78
C GLY A 18 9.94 -10.22 -16.40
N GLY A 19 9.03 -9.60 -15.64
CA GLY A 19 8.19 -8.51 -16.15
C GLY A 19 8.79 -7.15 -15.84
N GLY A 20 8.10 -6.12 -16.30
CA GLY A 20 8.53 -4.76 -16.02
C GLY A 20 8.03 -4.23 -14.69
N TYR A 21 8.66 -3.15 -14.23
CA TYR A 21 8.19 -2.44 -13.04
C TYR A 21 6.75 -1.98 -13.25
N LEU A 22 5.84 -2.41 -12.37
CA LEU A 22 4.41 -2.10 -12.40
C LEU A 22 3.68 -2.63 -13.64
N GLU A 23 4.28 -3.58 -14.37
CA GLU A 23 3.67 -4.01 -15.65
C GLU A 23 2.37 -4.78 -15.42
N HIS A 24 2.35 -5.71 -14.46
CA HIS A 24 1.20 -6.58 -14.22
C HIS A 24 0.00 -5.85 -13.64
N CYS A 25 0.17 -4.60 -13.20
CA CYS A 25 -0.89 -3.80 -12.62
C CYS A 25 -1.17 -2.55 -13.46
N GLN A 26 -0.52 -2.40 -14.62
CA GLN A 26 -0.58 -1.12 -15.32
C GLN A 26 -1.97 -0.79 -15.84
N GLU A 27 -2.76 -1.79 -16.26
CA GLU A 27 -4.12 -1.53 -16.73
C GLU A 27 -4.98 -0.99 -15.60
N HIS A 28 -4.84 -1.57 -14.40
N HIS A 28 -4.80 -1.55 -14.40
CA HIS A 28 -5.66 -1.04 -13.31
CA HIS A 28 -5.58 -1.09 -13.27
C HIS A 28 -5.13 0.29 -12.80
C HIS A 28 -5.13 0.30 -12.83
N ILE A 29 -3.83 0.60 -12.95
CA ILE A 29 -3.36 1.97 -12.67
C ILE A 29 -4.04 2.97 -13.60
N LEU A 30 -4.07 2.65 -14.92
CA LEU A 30 -4.69 3.55 -15.90
C LEU A 30 -6.14 3.78 -15.56
N LYS A 31 -6.89 2.69 -15.30
CA LYS A 31 -8.31 2.86 -14.96
C LYS A 31 -8.48 3.62 -13.65
N PHE A 32 -7.56 3.39 -12.68
CA PHE A 32 -7.68 3.99 -11.35
C PHE A 32 -7.41 5.48 -11.37
N LEU A 33 -6.33 5.90 -12.06
CA LEU A 33 -5.96 7.33 -12.10
C LEU A 33 -6.72 8.12 -13.16
N GLY A 34 -6.95 7.52 -14.32
CA GLY A 34 -7.66 8.15 -15.43
C GLY A 34 -6.81 9.25 -16.03
N ALA A 35 -7.46 10.15 -16.76
CA ALA A 35 -6.81 11.36 -17.25
C ALA A 35 -7.09 12.59 -16.37
N GLN A 36 -7.94 12.46 -15.36
CA GLN A 36 -8.10 13.62 -14.48
C GLN A 36 -6.89 13.85 -13.59
N VAL A 37 -6.01 12.88 -13.45
CA VAL A 37 -4.73 13.04 -12.76
C VAL A 37 -3.66 13.30 -13.82
N LYS A 38 -2.89 14.39 -13.70
CA LYS A 38 -1.76 14.66 -14.59
C LYS A 38 -0.40 14.32 -14.01
N ARG A 39 -0.19 14.46 -12.71
CA ARG A 39 1.11 14.17 -12.10
C ARG A 39 0.85 13.35 -10.85
N VAL A 40 1.74 12.41 -10.59
CA VAL A 40 1.72 11.58 -9.38
C VAL A 40 2.84 12.04 -8.45
N LEU A 41 2.54 12.09 -7.15
CA LEU A 41 3.57 12.35 -6.14
C LEU A 41 4.07 11.00 -5.62
N PHE A 42 5.37 10.77 -5.76
CA PHE A 42 6.01 9.53 -5.34
C PHE A 42 6.67 9.70 -3.98
N ILE A 43 6.52 8.69 -3.14
CA ILE A 43 7.25 8.65 -1.87
C ILE A 43 8.28 7.53 -1.97
N PRO A 44 9.58 7.83 -2.01
CA PRO A 44 10.65 6.84 -2.26
C PRO A 44 11.32 6.34 -1.00
N TYR A 45 10.79 6.69 0.15
CA TYR A 45 11.53 6.55 1.39
C TYR A 45 11.82 5.12 1.78
N ALA A 46 11.16 4.12 1.20
CA ALA A 46 11.44 2.71 1.57
C ALA A 46 12.80 2.22 1.12
N LEU A 47 13.40 2.88 0.12
CA LEU A 47 14.72 2.52 -0.38
C LEU A 47 15.74 3.61 -0.01
N HIS A 48 17.00 3.19 0.08
CA HIS A 48 18.07 4.10 0.49
C HIS A 48 18.47 5.10 -0.60
N ASP A 49 18.57 4.66 -1.85
CA ASP A 49 18.98 5.55 -2.96
C ASP A 49 17.69 6.15 -3.52
N ARG A 50 17.27 7.24 -2.92
CA ARG A 50 16.00 7.84 -3.33
C ARG A 50 16.09 8.45 -4.73
N ASP A 51 17.25 9.01 -5.10
CA ASP A 51 17.37 9.59 -6.42
C ASP A 51 17.20 8.51 -7.47
N ALA A 52 17.86 7.35 -7.27
CA ALA A 52 17.76 6.29 -8.28
C ALA A 52 16.35 5.71 -8.32
N TYR A 53 15.73 5.55 -7.14
CA TYR A 53 14.34 5.10 -7.08
C TYR A 53 13.40 6.03 -7.84
N ALA A 54 13.48 7.33 -7.57
CA ALA A 54 12.59 8.27 -8.25
C ALA A 54 12.79 8.26 -9.76
N LYS A 55 14.03 8.18 -10.21
CA LYS A 55 14.27 8.11 -11.66
C LYS A 55 13.59 6.90 -12.27
N THR A 56 13.71 5.75 -11.62
CA THR A 56 13.05 4.52 -12.05
C THR A 56 11.52 4.68 -12.09
N ALA A 57 10.92 5.14 -10.98
CA ALA A 57 9.46 5.32 -10.98
C ALA A 57 9.01 6.31 -12.04
N ARG A 58 9.75 7.41 -12.20
CA ARG A 58 9.39 8.42 -13.20
C ARG A 58 9.36 7.83 -14.61
N GLN A 59 10.33 6.99 -14.95
CA GLN A 59 10.35 6.42 -16.31
C GLN A 59 9.06 5.67 -16.59
N LYS A 60 8.60 4.88 -15.60
CA LYS A 60 7.40 4.08 -15.78
C LYS A 60 6.16 4.98 -15.84
N PHE A 61 6.03 5.91 -14.91
CA PHE A 61 4.84 6.75 -14.91
C PHE A 61 4.79 7.65 -16.16
N GLU A 62 5.94 8.20 -16.58
CA GLU A 62 5.95 9.00 -17.81
C GLU A 62 5.53 8.16 -19.00
N ALA A 63 5.97 6.90 -19.04
CA ALA A 63 5.52 6.03 -20.12
C ALA A 63 4.00 5.86 -20.11
N LEU A 64 3.39 5.85 -18.93
CA LEU A 64 1.95 5.69 -18.81
C LEU A 64 1.21 7.00 -19.00
N GLY A 65 1.92 8.09 -19.24
CA GLY A 65 1.30 9.37 -19.50
C GLY A 65 1.18 10.30 -18.32
N TYR A 66 1.88 10.02 -17.20
CA TYR A 66 1.82 10.90 -16.05
C TYR A 66 3.20 11.49 -15.73
N GLY A 67 3.22 12.75 -15.31
CA GLY A 67 4.40 13.27 -14.65
C GLY A 67 4.58 12.61 -13.28
N LEU A 68 5.81 12.71 -12.77
CA LEU A 68 6.16 12.11 -11.48
C LEU A 68 6.99 13.11 -10.70
N ASP A 69 6.50 13.54 -9.55
CA ASP A 69 7.28 14.34 -8.63
C ASP A 69 7.64 13.43 -7.46
N SER A 70 8.86 13.54 -6.96
CA SER A 70 9.27 12.76 -5.78
C SER A 70 9.32 13.70 -4.59
N VAL A 71 8.69 13.28 -3.48
CA VAL A 71 8.67 14.15 -2.33
C VAL A 71 10.07 14.50 -1.85
N HIS A 72 11.05 13.61 -2.07
CA HIS A 72 12.38 13.89 -1.57
C HIS A 72 13.09 14.96 -2.36
N GLU A 73 12.48 15.45 -3.43
CA GLU A 73 13.02 16.63 -4.10
C GLU A 73 12.26 17.90 -3.75
N SER A 74 11.28 17.80 -2.88
N SER A 74 11.26 17.81 -2.91
CA SER A 74 10.62 19.03 -2.53
CA SER A 74 10.49 18.98 -2.46
C SER A 74 11.25 19.58 -1.27
C SER A 74 11.19 19.58 -1.25
N PRO A 75 11.44 20.89 -1.24
CA PRO A 75 11.94 21.53 -0.01
C PRO A 75 10.99 21.38 1.16
N ASP A 76 9.68 21.14 0.91
CA ASP A 76 8.67 21.05 1.96
C ASP A 76 7.77 19.88 1.59
N PRO A 77 8.09 18.68 2.07
CA PRO A 77 7.28 17.51 1.74
C PRO A 77 5.82 17.66 2.08
N VAL A 78 5.48 18.32 3.21
CA VAL A 78 4.08 18.50 3.59
C VAL A 78 3.36 19.30 2.52
N ASP A 79 4.01 20.37 2.03
CA ASP A 79 3.40 21.16 0.96
C ASP A 79 3.25 20.33 -0.30
N ALA A 80 4.24 19.48 -0.61
CA ALA A 80 4.09 18.64 -1.80
C ALA A 80 2.86 17.74 -1.67
N VAL A 81 2.65 17.15 -0.49
CA VAL A 81 1.50 16.28 -0.32
C VAL A 81 0.23 17.10 -0.42
N LYS A 82 0.24 18.32 0.15
CA LYS A 82 -0.94 19.19 0.08
C LYS A 82 -1.34 19.46 -1.35
N LYS A 83 -0.40 19.51 -2.27
CA LYS A 83 -0.66 19.84 -3.68
C LYS A 83 -0.81 18.60 -4.55
N ALA A 84 -0.63 17.41 -4.01
CA ALA A 84 -0.58 16.23 -4.87
C ALA A 84 -1.95 15.98 -5.52
N GLU A 85 -1.93 15.49 -6.75
CA GLU A 85 -3.14 14.98 -7.39
C GLU A 85 -3.35 13.49 -7.18
N ALA A 86 -2.29 12.77 -6.83
CA ALA A 86 -2.30 11.34 -6.59
C ALA A 86 -1.01 11.06 -5.89
N ILE A 87 -1.02 10.02 -5.04
CA ILE A 87 0.15 9.64 -4.24
C ILE A 87 0.48 8.19 -4.53
N PHE A 88 1.74 7.91 -4.81
CA PHE A 88 2.21 6.52 -4.96
C PHE A 88 3.35 6.29 -3.99
N ILE A 89 3.17 5.29 -3.12
CA ILE A 89 4.23 4.90 -2.19
C ILE A 89 4.74 3.54 -2.62
N GLY A 90 6.03 3.50 -2.96
CA GLY A 90 6.63 2.29 -3.47
C GLY A 90 7.21 1.41 -2.37
N GLY A 91 7.59 0.20 -2.81
CA GLY A 91 8.17 -0.82 -1.94
C GLY A 91 9.61 -0.53 -1.50
N GLY A 92 10.09 -1.35 -0.55
CA GLY A 92 11.43 -1.22 0.04
C GLY A 92 11.33 -1.75 1.47
N ASN A 93 12.05 -1.16 2.38
CA ASN A 93 11.92 -1.61 3.76
C ASN A 93 10.77 -0.85 4.43
N THR A 94 9.81 -1.60 4.98
CA THR A 94 8.59 -1.01 5.57
C THR A 94 8.89 -0.18 6.82
N PHE A 95 9.85 -0.60 7.65
CA PHE A 95 10.18 0.17 8.86
C PHE A 95 10.86 1.48 8.46
N ARG A 96 11.80 1.42 7.49
CA ARG A 96 12.44 2.65 7.00
C ARG A 96 11.41 3.63 6.43
N LEU A 97 10.47 3.10 5.65
CA LEU A 97 9.39 3.91 5.07
C LEU A 97 8.52 4.54 6.15
N LEU A 98 8.04 3.72 7.10
CA LEU A 98 7.14 4.25 8.11
C LEU A 98 7.85 5.28 8.98
N LYS A 99 9.08 4.99 9.42
CA LYS A 99 9.80 5.99 10.19
C LYS A 99 9.97 7.28 9.42
N ALA A 100 10.32 7.19 8.13
CA ALA A 100 10.46 8.41 7.32
C ALA A 100 9.14 9.16 7.20
N LEU A 101 8.00 8.46 7.07
CA LEU A 101 6.70 9.16 7.03
C LEU A 101 6.49 9.95 8.32
N TYR A 102 6.80 9.38 9.46
CA TYR A 102 6.69 10.13 10.70
C TYR A 102 7.71 11.24 10.77
N ASP A 103 8.96 10.97 10.37
CA ASP A 103 10.01 11.98 10.50
C ASP A 103 9.70 13.21 9.66
N ASN A 104 9.03 13.02 8.54
CA ASN A 104 8.71 14.10 7.62
C ASN A 104 7.30 14.64 7.80
N ASP A 105 6.61 14.24 8.85
CA ASP A 105 5.28 14.74 9.17
C ASP A 105 4.25 14.44 8.08
N LEU A 106 4.35 13.28 7.46
CA LEU A 106 3.48 12.96 6.34
C LEU A 106 2.35 12.03 6.69
N ILE A 107 2.30 11.50 7.92
CA ILE A 107 1.20 10.59 8.24
C ILE A 107 -0.10 11.37 8.22
N ALA A 108 -0.16 12.47 8.94
CA ALA A 108 -1.40 13.23 8.98
C ALA A 108 -1.68 13.85 7.62
N ALA A 109 -0.64 14.34 6.94
CA ALA A 109 -0.87 15.04 5.67
C ALA A 109 -1.38 14.10 4.59
N ILE A 110 -0.81 12.89 4.51
CA ILE A 110 -1.29 11.96 3.50
C ILE A 110 -2.69 11.49 3.85
N ARG A 111 -2.95 11.14 5.12
CA ARG A 111 -4.33 10.74 5.48
C ARG A 111 -5.33 11.80 5.08
N LYS A 112 -4.99 13.06 5.33
CA LYS A 112 -5.88 14.15 4.95
C LYS A 112 -6.10 14.17 3.45
N ARG A 113 -5.02 14.15 2.70
CA ARG A 113 -5.17 14.33 1.26
C ARG A 113 -5.99 13.18 0.67
N VAL A 114 -5.79 11.95 1.16
CA VAL A 114 -6.48 10.79 0.61
C VAL A 114 -7.91 10.72 1.15
N LEU A 115 -8.07 10.70 2.47
CA LEU A 115 -9.39 10.37 3.01
C LEU A 115 -10.31 11.57 3.11
N GLU A 116 -9.78 12.77 3.23
CA GLU A 116 -10.64 13.97 3.29
C GLU A 116 -10.80 14.68 1.94
N ASP A 117 -9.73 14.77 1.16
CA ASP A 117 -9.78 15.49 -0.11
C ASP A 117 -10.02 14.57 -1.31
N GLY A 118 -9.97 13.25 -1.14
CA GLY A 118 -10.31 12.32 -2.19
C GLY A 118 -9.21 12.02 -3.18
N VAL A 119 -7.95 12.30 -2.82
CA VAL A 119 -6.83 12.07 -3.76
C VAL A 119 -6.52 10.58 -3.85
N PRO A 120 -6.36 10.00 -5.05
CA PRO A 120 -6.13 8.54 -5.14
C PRO A 120 -4.76 8.19 -4.60
N TYR A 121 -4.68 7.02 -3.96
CA TYR A 121 -3.45 6.50 -3.39
C TYR A 121 -3.16 5.15 -4.00
N ILE A 122 -1.93 4.96 -4.44
CA ILE A 122 -1.41 3.68 -4.91
C ILE A 122 -0.31 3.27 -3.93
N GLY A 123 -0.38 2.04 -3.46
CA GLY A 123 0.73 1.46 -2.71
C GLY A 123 1.23 0.22 -3.42
N SER A 124 2.52 -0.06 -3.25
CA SER A 124 3.08 -1.34 -3.63
C SER A 124 3.97 -1.85 -2.49
N SER A 125 3.75 -3.10 -2.13
CA SER A 125 4.56 -3.79 -1.12
C SER A 125 4.63 -2.98 0.20
N ALA A 126 5.81 -2.44 0.56
CA ALA A 126 5.88 -1.57 1.75
C ALA A 126 4.88 -0.42 1.71
N GLY A 127 4.61 0.13 0.53
CA GLY A 127 3.63 1.19 0.45
C GLY A 127 2.19 0.71 0.58
N THR A 128 1.94 -0.58 0.36
CA THR A 128 0.66 -1.17 0.73
C THR A 128 0.58 -1.39 2.22
N ASN A 129 1.69 -1.86 2.84
CA ASN A 129 1.64 -2.02 4.29
C ASN A 129 1.31 -0.71 4.98
N VAL A 130 1.92 0.39 4.57
CA VAL A 130 1.70 1.63 5.29
C VAL A 130 0.34 2.26 5.00
N ALA A 131 -0.43 1.74 4.02
CA ALA A 131 -1.80 2.18 3.82
C ALA A 131 -2.73 1.61 4.87
N THR A 132 -2.30 0.58 5.56
CA THR A 132 -3.17 -0.19 6.46
C THR A 132 -3.17 0.39 7.85
N ILE A 133 -3.83 -0.30 8.78
CA ILE A 133 -3.90 0.19 10.16
C ILE A 133 -2.52 0.28 10.79
N SER A 134 -1.65 -0.68 10.47
CA SER A 134 -0.33 -0.76 11.11
C SER A 134 0.53 -1.71 10.32
N ILE A 135 1.82 -1.71 10.63
CA ILE A 135 2.77 -2.54 9.90
C ILE A 135 3.10 -3.83 10.65
N ASN A 136 2.21 -4.26 11.56
CA ASN A 136 2.47 -5.44 12.37
C ASN A 136 2.72 -6.68 11.54
N THR A 137 2.20 -6.76 10.32
CA THR A 137 2.30 -7.96 9.54
C THR A 137 3.22 -7.78 8.34
N THR A 138 4.13 -6.77 8.39
CA THR A 138 5.18 -6.76 7.39
C THR A 138 6.07 -8.00 7.48
N ASN A 139 6.70 -8.32 6.37
CA ASN A 139 7.74 -9.32 6.23
C ASN A 139 9.14 -8.75 6.44
N ASP A 140 9.28 -7.42 6.55
CA ASP A 140 10.60 -6.82 6.51
C ASP A 140 11.27 -6.83 7.88
N MET A 141 12.61 -6.68 7.85
CA MET A 141 13.48 -6.61 9.03
C MET A 141 13.35 -5.23 9.67
N PRO A 142 13.38 -5.12 10.99
CA PRO A 142 13.25 -3.80 11.68
C PRO A 142 14.56 -3.04 11.70
N ILE A 143 14.98 -2.57 10.51
CA ILE A 143 16.30 -1.93 10.39
C ILE A 143 16.39 -0.57 11.03
N VAL A 144 15.26 0.10 11.24
CA VAL A 144 15.16 1.28 12.07
C VAL A 144 13.84 1.16 12.83
N TYR A 145 13.64 2.07 13.80
CA TYR A 145 12.54 1.99 14.77
C TYR A 145 11.61 3.18 14.55
N PRO A 146 10.47 3.01 13.89
CA PRO A 146 9.49 4.11 13.84
C PRO A 146 8.93 4.34 15.24
N PRO A 147 8.28 5.49 15.47
CA PRO A 147 7.76 5.78 16.83
C PRO A 147 6.49 5.04 17.19
N SER A 148 5.94 4.27 16.28
CA SER A 148 4.73 3.46 16.44
C SER A 148 4.73 2.56 15.22
N LEU A 149 4.01 1.44 15.31
CA LEU A 149 3.72 0.63 14.12
C LEU A 149 2.42 1.05 13.47
N LYS A 150 1.65 1.98 14.08
CA LYS A 150 0.45 2.49 13.42
C LYS A 150 0.83 3.24 12.16
N ALA A 151 0.01 3.07 11.13
CA ALA A 151 0.38 3.60 9.82
C ALA A 151 -0.70 4.56 9.30
N LEU A 152 -0.95 4.58 8.00
CA LEU A 152 -1.90 5.60 7.48
C LEU A 152 -3.34 5.29 7.82
N GLU A 153 -3.67 4.05 8.16
N GLU A 153 -3.68 4.03 8.10
CA GLU A 153 -5.05 3.67 8.42
CA GLU A 153 -5.04 3.64 8.46
C GLU A 153 -6.01 4.15 7.34
C GLU A 153 -6.07 3.94 7.36
N LEU A 154 -5.63 3.90 6.11
CA LEU A 154 -6.56 4.09 5.01
C LEU A 154 -7.58 2.95 4.93
N VAL A 155 -7.23 1.79 5.48
CA VAL A 155 -8.12 0.66 5.71
C VAL A 155 -7.87 0.19 7.13
N PRO A 156 -8.86 -0.43 7.77
CA PRO A 156 -8.76 -0.79 9.18
C PRO A 156 -8.19 -2.17 9.49
N PHE A 157 -7.82 -2.91 8.46
CA PHE A 157 -7.27 -4.24 8.61
C PHE A 157 -5.79 -4.24 8.25
N ASN A 158 -5.16 -5.40 8.49
CA ASN A 158 -3.76 -5.60 8.14
C ASN A 158 -3.66 -6.35 6.81
N ILE A 159 -2.53 -6.19 6.15
CA ILE A 159 -2.19 -6.89 4.93
C ILE A 159 -0.83 -7.55 5.11
N ASN A 160 -0.71 -8.80 4.64
CA ASN A 160 0.61 -9.44 4.54
C ASN A 160 0.88 -9.57 3.06
N PRO A 161 1.75 -8.74 2.48
CA PRO A 161 2.01 -8.83 1.05
C PRO A 161 2.96 -9.98 0.73
N HIS A 162 2.93 -10.39 -0.54
CA HIS A 162 3.70 -11.55 -0.98
C HIS A 162 3.44 -12.75 -0.07
N TYR A 163 2.17 -12.96 0.27
CA TYR A 163 1.80 -14.11 1.09
C TYR A 163 2.32 -15.41 0.47
N LEU A 164 2.80 -16.30 1.33
CA LEU A 164 3.53 -17.48 0.88
C LEU A 164 2.92 -18.73 1.51
N ASP A 165 2.54 -19.69 0.68
CA ASP A 165 2.03 -20.97 1.16
C ASP A 165 3.19 -21.81 1.70
N PRO A 166 2.94 -22.66 2.71
CA PRO A 166 4.00 -23.51 3.31
C PRO A 166 4.81 -24.35 2.32
N GLY A 174 12.41 -22.06 11.04
CA GLY A 174 11.80 -20.86 10.49
C GLY A 174 10.31 -21.00 10.27
N GLU A 175 9.56 -20.30 11.13
CA GLU A 175 8.10 -20.28 11.07
C GLU A 175 7.62 -20.02 9.63
N THR A 176 6.60 -20.78 9.19
CA THR A 176 5.91 -20.47 7.93
C THR A 176 5.15 -19.15 8.06
N ARG A 177 4.68 -18.62 6.93
CA ARG A 177 3.93 -17.35 6.96
C ARG A 177 2.67 -17.47 7.81
N GLU A 178 1.90 -18.58 7.64
CA GLU A 178 0.67 -18.74 8.42
C GLU A 178 0.98 -18.88 9.90
N GLN A 179 2.09 -19.56 10.22
CA GLN A 179 2.47 -19.64 11.63
C GLN A 179 2.77 -18.27 12.19
N ARG A 180 3.47 -17.42 11.44
CA ARG A 180 3.78 -16.08 11.94
C ARG A 180 2.50 -15.26 12.09
N ILE A 181 1.55 -15.39 11.14
CA ILE A 181 0.30 -14.63 11.26
C ILE A 181 -0.55 -15.14 12.41
N THR A 182 -0.53 -16.47 12.63
CA THR A 182 -1.27 -17.06 13.75
C THR A 182 -0.79 -16.51 15.09
N GLN A 183 0.55 -16.31 15.23
CA GLN A 183 1.06 -15.66 16.44
C GLN A 183 0.55 -14.25 16.60
N TYR A 184 0.43 -13.49 15.50
CA TYR A 184 -0.15 -12.17 15.66
C TYR A 184 -1.56 -12.27 16.19
N HIS A 185 -2.32 -13.25 15.68
CA HIS A 185 -3.68 -13.39 16.12
C HIS A 185 -3.81 -14.02 17.50
N GLU A 186 -2.71 -14.48 18.10
CA GLU A 186 -2.70 -14.73 19.54
C GLU A 186 -2.76 -13.46 20.37
N GLU A 187 -2.35 -12.32 19.81
CA GLU A 187 -2.37 -11.06 20.53
C GLU A 187 -3.79 -10.49 20.65
N HIS A 188 -4.00 -9.68 21.68
N HIS A 188 -4.00 -9.69 21.68
CA HIS A 188 -5.35 -9.20 21.99
CA HIS A 188 -5.36 -9.23 22.00
C HIS A 188 -5.95 -8.33 20.90
C HIS A 188 -5.96 -8.33 20.93
N ASP A 189 -7.18 -8.64 20.51
CA ASP A 189 -8.02 -7.79 19.66
C ASP A 189 -7.34 -7.39 18.35
N THR A 190 -6.65 -8.34 17.75
CA THR A 190 -5.96 -7.95 16.54
C THR A 190 -6.89 -8.09 15.34
N PRO A 191 -6.75 -7.21 14.34
CA PRO A 191 -7.72 -7.14 13.26
C PRO A 191 -7.42 -8.19 12.20
N PRO A 192 -8.29 -8.35 11.19
CA PRO A 192 -8.03 -9.34 10.16
C PRO A 192 -6.72 -9.06 9.44
N VAL A 193 -6.17 -10.12 8.85
CA VAL A 193 -4.93 -10.04 8.08
C VAL A 193 -5.24 -10.58 6.69
N LEU A 194 -5.20 -9.68 5.69
CA LEU A 194 -5.41 -10.12 4.32
C LEU A 194 -4.08 -10.52 3.73
N GLY A 195 -3.90 -11.81 3.47
CA GLY A 195 -2.74 -12.29 2.75
C GLY A 195 -2.82 -12.16 1.25
N LEU A 196 -2.16 -11.16 0.70
CA LEU A 196 -2.14 -10.95 -0.75
C LEU A 196 -0.95 -11.69 -1.34
N ARG A 197 -1.21 -12.67 -2.19
CA ARG A 197 -0.11 -13.27 -2.92
C ARG A 197 0.42 -12.31 -3.99
N GLU A 198 1.57 -12.69 -4.55
CA GLU A 198 2.37 -11.80 -5.38
C GLU A 198 1.57 -11.18 -6.52
N GLY A 199 0.54 -11.86 -7.00
CA GLY A 199 -0.21 -11.38 -8.15
C GLY A 199 -1.47 -10.61 -7.83
N CYS A 200 -1.69 -10.30 -6.55
CA CYS A 200 -2.93 -9.74 -6.06
C CYS A 200 -2.81 -8.24 -5.91
N PHE A 201 -3.91 -7.55 -6.15
CA PHE A 201 -4.05 -6.17 -5.76
C PHE A 201 -5.47 -5.98 -5.29
N LEU A 202 -5.65 -4.99 -4.43
CA LEU A 202 -6.93 -4.69 -3.80
C LEU A 202 -7.32 -3.28 -4.21
N LEU A 203 -8.47 -3.17 -4.85
CA LEU A 203 -8.99 -1.87 -5.24
C LEU A 203 -10.06 -1.47 -4.24
N VAL A 204 -9.88 -0.33 -3.60
CA VAL A 204 -10.81 0.17 -2.61
C VAL A 204 -11.42 1.45 -3.15
N GLU A 205 -12.73 1.43 -3.33
CA GLU A 205 -13.45 2.60 -3.82
C GLU A 205 -14.59 2.85 -2.85
N GLY A 206 -14.42 3.87 -2.05
CA GLY A 206 -15.33 4.20 -0.97
C GLY A 206 -15.47 3.10 0.04
N ASP A 207 -16.64 2.47 0.08
CA ASP A 207 -16.92 1.34 0.98
C ASP A 207 -16.84 0.00 0.29
N LYS A 208 -16.29 -0.04 -0.91
CA LYS A 208 -16.20 -1.27 -1.69
C LYS A 208 -14.73 -1.63 -1.80
N ALA A 209 -14.43 -2.91 -1.64
CA ALA A 209 -13.10 -3.42 -1.90
C ALA A 209 -13.19 -4.67 -2.76
N THR A 210 -12.30 -4.77 -3.73
CA THR A 210 -12.37 -5.87 -4.69
C THR A 210 -10.97 -6.42 -4.87
N LEU A 211 -10.84 -7.75 -4.77
CA LEU A 211 -9.57 -8.38 -5.10
C LEU A 211 -9.43 -8.42 -6.62
N LEU A 212 -8.29 -7.99 -7.13
CA LEU A 212 -7.98 -8.04 -8.56
C LEU A 212 -6.64 -8.74 -8.76
N GLY A 213 -6.32 -9.04 -10.01
CA GLY A 213 -5.09 -9.71 -10.35
C GLY A 213 -5.34 -11.16 -10.74
N ILE A 214 -4.30 -11.97 -10.57
CA ILE A 214 -4.32 -13.33 -11.14
C ILE A 214 -3.92 -14.38 -10.12
N THR A 215 -3.79 -13.97 -8.86
CA THR A 215 -3.58 -14.91 -7.77
C THR A 215 -4.66 -14.74 -6.71
N ARG A 216 -4.80 -15.75 -5.88
CA ARG A 216 -5.75 -15.76 -4.78
C ARG A 216 -5.16 -15.04 -3.57
N ALA A 217 -6.07 -14.69 -2.63
CA ALA A 217 -5.73 -14.03 -1.37
C ALA A 217 -6.31 -14.85 -0.22
N ARG A 218 -5.55 -14.93 0.87
CA ARG A 218 -5.93 -15.76 2.00
C ARG A 218 -6.23 -14.85 3.19
N LEU A 219 -7.45 -14.94 3.71
CA LEU A 219 -7.91 -14.03 4.76
C LEU A 219 -7.82 -14.70 6.12
N PHE A 220 -7.07 -14.08 7.01
CA PHE A 220 -6.94 -14.59 8.37
C PHE A 220 -7.79 -13.78 9.36
N LEU A 221 -8.65 -14.46 10.13
CA LEU A 221 -9.38 -13.83 11.23
C LEU A 221 -9.04 -14.46 12.58
N ARG A 222 -8.83 -13.63 13.61
CA ARG A 222 -8.48 -14.07 14.96
C ARG A 222 -9.41 -15.18 15.44
N GLY A 223 -8.82 -16.33 15.81
CA GLY A 223 -9.60 -17.44 16.32
C GLY A 223 -10.34 -18.29 15.29
N LYS A 224 -10.18 -18.02 14.00
CA LYS A 224 -10.96 -18.68 12.98
C LYS A 224 -10.02 -19.34 11.98
N ASN A 225 -10.53 -20.32 11.26
CA ASN A 225 -9.77 -20.93 10.18
C ASN A 225 -9.72 -19.96 9.02
N PRO A 226 -8.57 -19.80 8.35
CA PRO A 226 -8.51 -18.83 7.25
C PRO A 226 -9.49 -19.19 6.17
N THR A 227 -10.02 -18.16 5.51
CA THR A 227 -10.94 -18.39 4.39
C THR A 227 -10.22 -17.93 3.14
N GLU A 228 -10.43 -18.60 2.01
CA GLU A 228 -9.63 -18.31 0.82
C GLU A 228 -10.46 -17.69 -0.30
N HIS A 229 -9.86 -16.76 -1.09
CA HIS A 229 -10.68 -15.91 -1.94
C HIS A 229 -10.09 -15.68 -3.33
N GLU A 230 -11.02 -15.83 -4.44
CA GLU A 230 -10.57 -15.78 -5.82
C GLU A 230 -10.53 -14.34 -6.34
N PRO A 231 -9.69 -14.01 -7.32
CA PRO A 231 -9.74 -12.66 -7.91
C PRO A 231 -11.17 -12.32 -8.33
N GLY A 232 -11.53 -11.06 -8.16
CA GLY A 232 -12.92 -10.68 -8.26
C GLY A 232 -13.66 -10.70 -6.95
N HIS A 233 -13.07 -11.28 -5.91
CA HIS A 233 -13.79 -11.44 -4.65
C HIS A 233 -14.10 -10.09 -4.02
N ASP A 234 -15.31 -10.00 -3.47
CA ASP A 234 -15.78 -8.83 -2.77
C ASP A 234 -15.26 -8.86 -1.34
N PHE A 235 -14.39 -7.93 -1.01
CA PHE A 235 -13.87 -7.80 0.35
C PHE A 235 -14.48 -6.60 1.08
N SER A 236 -15.61 -6.07 0.58
CA SER A 236 -16.18 -4.87 1.21
C SER A 236 -16.44 -5.07 2.70
N PHE A 237 -16.79 -6.28 3.12
CA PHE A 237 -17.05 -6.53 4.53
C PHE A 237 -15.87 -6.22 5.44
N LEU A 238 -14.65 -6.23 4.91
CA LEU A 238 -13.50 -5.89 5.73
C LEU A 238 -13.44 -4.43 6.05
N LEU A 239 -14.21 -3.59 5.35
CA LEU A 239 -14.08 -2.16 5.54
C LEU A 239 -15.06 -1.64 6.57
N GLY A 240 -16.30 -2.13 6.54
CA GLY A 240 -17.36 -1.61 7.38
C GLY A 240 -18.14 -0.47 6.74
CA CA B . 6.30 -6.76 3.67
NA NA C . 9.72 -4.79 1.80
NA NA C . 7.51 -4.83 2.06
NA NA D . -0.78 -4.46 7.61
NA NA E . -2.58 17.27 3.33
#